data_7CNU
#
_entry.id   7CNU
#
_cell.length_a   166.243
_cell.length_b   38.701
_cell.length_c   44.699
_cell.angle_alpha   90.00
_cell.angle_beta   99.87
_cell.angle_gamma   90.00
#
_symmetry.space_group_name_H-M   'C 1 2 1'
#
loop_
_entity.id
_entity.type
_entity.pdbx_description
1 polymer 'Dynein light chain 2, cytoplasmic'
2 polymer 'Bcl-2-modifying factor'
3 water water
#
loop_
_entity_poly.entity_id
_entity_poly.type
_entity_poly.pdbx_seq_one_letter_code
_entity_poly.pdbx_strand_id
1 'polypeptide(L)'
;MGHHHHHHSDRKAVIKNADMSEDMQQDAVDCATQAMEKYNIEKDIAAYIKKEFDKKYNPTWHCIVGRNFGSYVTHETKHF
IYFYLGQVAILLFKSG
;
A,B,E
2 'polypeptide(L)' TSQEDKATQTLSPASPSQGV C
#
# COMPACT_ATOMS: atom_id res chain seq x y z
N ASP A 10 2.96 -1.30 10.10
CA ASP A 10 4.11 -0.67 10.82
C ASP A 10 4.00 0.88 10.87
N ARG A 11 4.03 1.55 9.72
CA ARG A 11 4.12 3.01 9.69
C ARG A 11 2.82 3.70 9.29
N LYS A 12 2.41 4.62 10.16
CA LYS A 12 1.21 5.40 9.94
C LYS A 12 1.48 6.53 8.96
N ALA A 13 0.68 6.59 7.90
CA ALA A 13 0.76 7.62 6.87
C ALA A 13 -0.30 8.67 7.10
N VAL A 14 0.13 9.92 7.30
CA VAL A 14 -0.72 11.06 7.56
C VAL A 14 -0.26 12.18 6.65
N ILE A 15 -1.15 12.64 5.76
CA ILE A 15 -0.90 13.80 4.91
C ILE A 15 -1.28 15.02 5.69
N LYS A 16 -0.30 15.90 5.93
CA LYS A 16 -0.51 17.12 6.70
C LYS A 16 -1.02 18.23 5.78
N ASN A 17 -0.40 18.38 4.61
CA ASN A 17 -0.69 19.47 3.70
C ASN A 17 -0.36 19.03 2.28
N ALA A 18 -1.30 19.21 1.36
CA ALA A 18 -1.14 18.72 0.00
C ALA A 18 -1.75 19.69 -1.00
N ASP A 19 -1.02 19.95 -2.09
CA ASP A 19 -1.54 20.57 -3.31
C ASP A 19 -1.09 19.67 -4.45
N MET A 20 -1.91 18.64 -4.73
CA MET A 20 -1.47 17.44 -5.43
C MET A 20 -2.68 16.53 -5.60
N SER A 21 -2.79 15.89 -6.77
CA SER A 21 -3.86 14.96 -7.06
C SER A 21 -3.77 13.76 -6.12
N GLU A 22 -4.91 13.09 -5.94
CA GLU A 22 -5.04 11.88 -5.12
C GLU A 22 -4.04 10.78 -5.51
N ASP A 23 -3.98 10.49 -6.81
CA ASP A 23 -3.11 9.47 -7.34
C ASP A 23 -1.67 9.76 -7.03
N MET A 24 -1.26 11.01 -7.20
CA MET A 24 0.11 11.41 -6.93
C MET A 24 0.43 11.35 -5.44
N GLN A 25 -0.53 11.73 -4.60
CA GLN A 25 -0.40 11.64 -3.14
C GLN A 25 -0.12 10.22 -2.69
N GLN A 26 -0.93 9.28 -3.17
CA GLN A 26 -0.80 7.86 -2.86
C GLN A 26 0.55 7.34 -3.36
N ASP A 27 0.96 7.78 -4.56
CA ASP A 27 2.25 7.42 -5.11
C ASP A 27 3.42 7.92 -4.24
N ALA A 28 3.34 9.16 -3.76
CA ALA A 28 4.35 9.71 -2.86
C ALA A 28 4.50 8.84 -1.60
N VAL A 29 3.37 8.43 -0.99
CA VAL A 29 3.38 7.52 0.14
C VAL A 29 3.98 6.12 -0.17
N ASP A 30 3.54 5.51 -1.28
CA ASP A 30 4.05 4.19 -1.70
C ASP A 30 5.58 4.29 -1.95
N CYS A 31 5.98 5.36 -2.64
CA CYS A 31 7.38 5.62 -2.94
C CYS A 31 8.28 5.77 -1.68
N ALA A 32 7.78 6.53 -0.71
CA ALA A 32 8.48 6.73 0.56
C ALA A 32 8.53 5.42 1.37
N THR A 33 7.45 4.65 1.34
CA THR A 33 7.39 3.34 1.97
C THR A 33 8.44 2.39 1.41
N GLN A 34 8.55 2.33 0.07
CA GLN A 34 9.60 1.53 -0.58
C GLN A 34 11.01 2.02 -0.20
N ALA A 35 11.21 3.35 -0.19
CA ALA A 35 12.50 3.96 0.18
C ALA A 35 12.93 3.53 1.57
N MET A 36 11.99 3.58 2.52
CA MET A 36 12.24 3.24 3.93
C MET A 36 12.48 1.77 4.18
N GLU A 37 11.90 0.89 3.36
CA GLU A 37 12.23 -0.51 3.42
C GLU A 37 13.68 -0.75 3.03
N LYS A 38 14.20 0.03 2.07
CA LYS A 38 15.59 -0.14 1.61
C LYS A 38 16.64 0.62 2.43
N TYR A 39 16.36 1.87 2.76
CA TYR A 39 17.33 2.81 3.35
C TYR A 39 16.91 3.34 4.72
N ASN A 40 17.90 3.51 5.59
CA ASN A 40 17.69 4.13 6.90
C ASN A 40 18.11 5.59 7.00
N ILE A 41 19.02 6.06 6.15
CA ILE A 41 19.53 7.41 6.23
C ILE A 41 18.62 8.36 5.48
N GLU A 42 18.25 9.47 6.14
CA GLU A 42 17.27 10.40 5.62
C GLU A 42 17.58 10.86 4.18
N LYS A 43 18.83 11.26 3.96
CA LYS A 43 19.33 11.75 2.70
C LYS A 43 19.13 10.72 1.58
N ASP A 44 19.29 9.43 1.89
CA ASP A 44 19.16 8.35 0.92
C ASP A 44 17.69 8.08 0.60
N ILE A 45 16.84 8.16 1.61
CA ILE A 45 15.40 8.07 1.45
C ILE A 45 14.95 9.18 0.52
N ALA A 46 15.43 10.41 0.78
CA ALA A 46 15.07 11.59 0.02
C ALA A 46 15.50 11.47 -1.43
N ALA A 47 16.73 11.00 -1.65
CA ALA A 47 17.27 10.78 -2.99
C ALA A 47 16.41 9.83 -3.81
N TYR A 48 16.00 8.71 -3.20
CA TYR A 48 15.17 7.71 -3.85
C TYR A 48 13.83 8.31 -4.31
N ILE A 49 13.17 9.04 -3.40
CA ILE A 49 11.87 9.64 -3.72
C ILE A 49 12.05 10.67 -4.85
N LYS A 50 12.98 11.59 -4.67
CA LYS A 50 13.27 12.63 -5.65
C LYS A 50 13.50 12.01 -7.04
N LYS A 51 14.38 11.02 -7.12
CA LYS A 51 14.73 10.44 -8.41
C LYS A 51 13.54 9.75 -9.06
N GLU A 52 12.71 9.07 -8.25
CA GLU A 52 11.53 8.38 -8.75
C GLU A 52 10.51 9.37 -9.28
N PHE A 53 10.35 10.50 -8.57
CA PHE A 53 9.41 11.50 -8.98
C PHE A 53 9.88 12.26 -10.23
N ASP A 54 11.20 12.52 -10.35
CA ASP A 54 11.76 13.06 -11.59
C ASP A 54 11.44 12.15 -12.77
N LYS A 55 11.58 10.84 -12.54
CA LYS A 55 11.43 9.82 -13.58
C LYS A 55 9.98 9.68 -14.01
N LYS A 56 9.05 9.64 -13.06
CA LYS A 56 7.64 9.39 -13.36
C LYS A 56 6.86 10.63 -13.74
N TYR A 57 7.19 11.76 -13.13
CA TYR A 57 6.41 13.01 -13.28
C TYR A 57 7.21 14.20 -13.82
N ASN A 58 8.40 13.93 -14.34
CA ASN A 58 9.28 14.90 -14.98
C ASN A 58 10.02 15.76 -13.95
N PRO A 59 11.27 16.19 -14.23
CA PRO A 59 11.97 17.09 -13.32
C PRO A 59 11.24 18.42 -13.18
N THR A 60 11.55 19.22 -12.15
CA THR A 60 12.62 18.97 -11.20
C THR A 60 12.01 18.90 -9.78
N TRP A 61 12.18 17.76 -9.11
CA TRP A 61 11.62 17.60 -7.77
C TRP A 61 12.70 17.78 -6.70
N HIS A 62 12.26 18.16 -5.50
CA HIS A 62 13.14 18.30 -4.36
C HIS A 62 12.48 17.55 -3.21
N CYS A 63 13.31 16.92 -2.37
CA CYS A 63 12.78 16.14 -1.28
C CYS A 63 13.56 16.33 0.00
N ILE A 64 12.82 16.55 1.08
CA ILE A 64 13.39 16.67 2.44
C ILE A 64 12.77 15.63 3.30
N VAL A 65 13.60 14.90 4.05
CA VAL A 65 13.11 13.88 4.94
C VAL A 65 13.73 14.09 6.31
N GLY A 66 12.91 14.12 7.36
CA GLY A 66 13.47 14.19 8.69
C GLY A 66 12.47 14.26 9.81
N ARG A 67 13.01 14.18 11.04
CA ARG A 67 12.27 14.27 12.26
C ARG A 67 12.09 15.69 12.77
N ASN A 68 12.98 16.62 12.41
CA ASN A 68 12.97 17.98 13.00
C ASN A 68 13.46 19.04 12.03
N PHE A 69 12.52 19.69 11.37
CA PHE A 69 12.79 20.77 10.40
C PHE A 69 11.54 21.59 10.12
N GLY A 70 11.77 22.86 9.78
CA GLY A 70 10.76 23.72 9.20
C GLY A 70 11.29 24.15 7.83
N SER A 71 10.40 24.70 7.02
CA SER A 71 10.73 25.04 5.69
C SER A 71 9.83 26.13 5.19
N TYR A 72 10.30 26.83 4.16
CA TYR A 72 9.51 27.77 3.43
C TYR A 72 9.98 27.66 1.98
N VAL A 73 9.11 27.10 1.12
CA VAL A 73 9.46 26.74 -0.23
C VAL A 73 8.42 27.31 -1.19
N THR A 74 8.76 27.37 -2.47
CA THR A 74 7.85 27.83 -3.51
C THR A 74 7.66 26.67 -4.50
N HIS A 75 6.43 26.18 -4.63
CA HIS A 75 6.17 25.03 -5.50
C HIS A 75 5.34 25.44 -6.72
N GLU A 76 5.45 24.65 -7.80
CA GLU A 76 4.49 24.69 -8.90
C GLU A 76 3.14 24.17 -8.42
N THR A 77 2.05 24.82 -8.85
CA THR A 77 0.69 24.47 -8.43
C THR A 77 0.48 22.98 -8.73
N LYS A 78 -0.16 22.26 -7.78
CA LYS A 78 -0.48 20.82 -7.92
C LYS A 78 0.72 19.89 -7.75
N HIS A 79 1.85 20.45 -7.29
CA HIS A 79 3.08 19.69 -7.14
C HIS A 79 3.72 19.90 -5.77
N PHE A 80 2.92 19.62 -4.73
CA PHE A 80 3.37 19.77 -3.34
C PHE A 80 2.71 18.78 -2.40
N ILE A 81 3.52 18.10 -1.58
CA ILE A 81 2.98 17.33 -0.48
C ILE A 81 3.91 17.37 0.73
N TYR A 82 3.29 17.46 1.91
CA TYR A 82 3.97 17.35 3.17
C TYR A 82 3.20 16.28 4.00
N PHE A 83 3.90 15.21 4.38
CA PHE A 83 3.29 14.10 5.07
C PHE A 83 4.24 13.41 6.01
N TYR A 84 3.66 12.67 6.95
CA TYR A 84 4.40 11.83 7.89
C TYR A 84 4.21 10.35 7.51
N LEU A 85 5.33 9.64 7.52
CA LEU A 85 5.38 8.22 7.62
C LEU A 85 5.98 7.88 8.97
N GLY A 86 5.15 7.49 9.93
CA GLY A 86 5.60 7.30 11.32
C GLY A 86 5.99 8.68 11.86
N GLN A 87 7.17 8.76 12.47
CA GLN A 87 7.71 9.99 13.04
C GLN A 87 8.53 10.79 12.06
N VAL A 88 8.69 10.25 10.84
CA VAL A 88 9.47 10.90 9.79
C VAL A 88 8.59 11.75 8.90
N ALA A 89 8.94 13.05 8.80
CA ALA A 89 8.23 13.96 7.92
C ALA A 89 8.95 14.04 6.56
N ILE A 90 8.13 14.16 5.51
CA ILE A 90 8.59 14.13 4.13
C ILE A 90 7.94 15.30 3.43
N LEU A 91 8.81 16.12 2.84
CA LEU A 91 8.41 17.25 2.03
C LEU A 91 8.90 16.98 0.62
N LEU A 92 7.97 17.02 -0.34
CA LEU A 92 8.25 16.72 -1.72
C LEU A 92 7.52 17.75 -2.56
N PHE A 93 8.27 18.45 -3.40
CA PHE A 93 7.65 19.48 -4.24
C PHE A 93 8.48 19.75 -5.49
N LYS A 94 7.82 20.35 -6.48
CA LYS A 94 8.47 20.73 -7.73
C LYS A 94 8.60 22.24 -7.79
N SER A 95 9.84 22.67 -8.08
CA SER A 95 10.14 24.01 -8.55
C SER A 95 11.37 23.93 -9.47
N ALA B 13 -13.38 1.76 26.44
CA ALA B 13 -12.89 0.73 25.47
C ALA B 13 -12.21 -0.37 26.22
N VAL B 14 -12.65 -1.61 25.97
CA VAL B 14 -12.14 -2.80 26.62
C VAL B 14 -11.58 -3.71 25.52
N ILE B 15 -10.26 -3.88 25.53
CA ILE B 15 -9.54 -4.67 24.57
C ILE B 15 -9.54 -6.07 25.09
N LYS B 16 -10.17 -7.00 24.34
CA LYS B 16 -10.26 -8.40 24.72
C LYS B 16 -9.02 -9.14 24.31
N ASN B 17 -8.61 -8.92 23.05
CA ASN B 17 -7.45 -9.59 22.50
C ASN B 17 -6.79 -8.69 21.47
N ALA B 18 -5.48 -8.54 21.58
CA ALA B 18 -4.72 -7.69 20.69
C ALA B 18 -3.40 -8.37 20.31
N ASP B 19 -3.05 -8.30 19.02
CA ASP B 19 -1.69 -8.56 18.53
C ASP B 19 -1.36 -7.39 17.60
N MET B 20 -0.86 -6.31 18.19
CA MET B 20 -0.85 -4.98 17.60
C MET B 20 -0.05 -4.05 18.50
N SER B 21 0.72 -3.13 17.91
CA SER B 21 1.46 -2.15 18.68
C SER B 21 0.48 -1.24 19.43
N GLU B 22 0.98 -0.60 20.50
CA GLU B 22 0.23 0.36 21.30
C GLU B 22 -0.40 1.50 20.49
N ASP B 23 0.43 2.11 19.64
CA ASP B 23 0.03 3.23 18.81
C ASP B 23 -1.12 2.83 17.91
N MET B 24 -1.01 1.65 17.30
CA MET B 24 -2.03 1.17 16.40
C MET B 24 -3.32 0.83 17.14
N GLN B 25 -3.19 0.25 18.34
CA GLN B 25 -4.32 -0.08 19.20
C GLN B 25 -5.14 1.15 19.52
N GLN B 26 -4.45 2.22 19.98
CA GLN B 26 -5.11 3.47 20.31
C GLN B 26 -5.78 4.09 19.07
N ASP B 27 -5.09 4.01 17.94
CA ASP B 27 -5.65 4.46 16.70
C ASP B 27 -6.94 3.69 16.27
N ALA B 28 -6.92 2.36 16.42
CA ALA B 28 -8.10 1.53 16.13
C ALA B 28 -9.29 1.95 16.98
N VAL B 29 -9.04 2.20 18.26
CA VAL B 29 -10.06 2.68 19.19
C VAL B 29 -10.60 4.06 18.83
N ASP B 30 -9.69 5.01 18.57
CA ASP B 30 -10.10 6.37 18.16
C ASP B 30 -10.92 6.32 16.90
N CYS B 31 -10.43 5.55 15.91
CA CYS B 31 -11.11 5.37 14.63
C CYS B 31 -12.54 4.79 14.78
N ALA B 32 -12.68 3.77 15.63
CA ALA B 32 -13.98 3.14 15.88
C ALA B 32 -14.91 4.05 16.62
N THR B 33 -14.35 4.83 17.56
CA THR B 33 -15.10 5.83 18.30
C THR B 33 -15.69 6.88 17.38
N GLN B 34 -14.87 7.41 16.46
CA GLN B 34 -15.34 8.35 15.44
C GLN B 34 -16.40 7.71 14.51
N ALA B 35 -16.19 6.45 14.10
CA ALA B 35 -17.12 5.72 13.23
C ALA B 35 -18.50 5.61 13.86
N MET B 36 -18.52 5.27 15.15
CA MET B 36 -19.76 5.11 15.91
C MET B 36 -20.47 6.42 16.21
N GLU B 37 -19.72 7.51 16.36
CA GLU B 37 -20.32 8.84 16.47
C GLU B 37 -20.99 9.22 15.17
N LYS B 38 -20.42 8.81 14.03
CA LYS B 38 -20.93 9.19 12.72
C LYS B 38 -22.09 8.30 12.23
N TYR B 39 -21.95 6.97 12.38
CA TYR B 39 -22.88 6.02 11.82
C TYR B 39 -23.58 5.16 12.86
N ASN B 40 -24.86 4.88 12.59
CA ASN B 40 -25.65 3.93 13.37
C ASN B 40 -25.62 2.46 12.92
N ILE B 41 -25.42 2.22 11.62
CA ILE B 41 -25.53 0.90 11.03
C ILE B 41 -24.17 0.20 11.07
N GLU B 42 -24.15 -1.03 11.57
CA GLU B 42 -22.92 -1.79 11.77
C GLU B 42 -22.03 -1.88 10.51
N LYS B 43 -22.64 -2.19 9.37
CA LYS B 43 -21.94 -2.27 8.07
C LYS B 43 -21.20 -0.98 7.74
N ASP B 44 -21.82 0.16 8.05
CA ASP B 44 -21.27 1.50 7.78
C ASP B 44 -20.11 1.82 8.71
N ILE B 45 -20.26 1.42 9.99
CA ILE B 45 -19.21 1.55 10.96
C ILE B 45 -18.00 0.77 10.50
N ALA B 46 -18.24 -0.48 10.09
CA ALA B 46 -17.15 -1.38 9.67
C ALA B 46 -16.42 -0.85 8.44
N ALA B 47 -17.19 -0.34 7.48
CA ALA B 47 -16.62 0.25 6.25
C ALA B 47 -15.69 1.39 6.55
N TYR B 48 -16.14 2.30 7.42
CA TYR B 48 -15.36 3.45 7.83
C TYR B 48 -14.01 3.05 8.40
N ILE B 49 -14.03 2.12 9.36
CA ILE B 49 -12.82 1.71 10.02
C ILE B 49 -11.87 1.04 9.01
N LYS B 50 -12.39 0.04 8.28
CA LYS B 50 -11.64 -0.67 7.25
C LYS B 50 -10.95 0.31 6.30
N LYS B 51 -11.72 1.26 5.76
CA LYS B 51 -11.16 2.16 4.75
C LYS B 51 -10.09 3.05 5.32
N GLU B 52 -10.29 3.50 6.58
CA GLU B 52 -9.31 4.36 7.23
C GLU B 52 -8.00 3.62 7.47
N PHE B 53 -8.11 2.36 7.87
CA PHE B 53 -6.93 1.55 8.11
C PHE B 53 -6.20 1.18 6.84
N ASP B 54 -6.95 0.89 5.78
CA ASP B 54 -6.32 0.72 4.43
C ASP B 54 -5.50 1.96 4.05
N LYS B 55 -6.05 3.13 4.33
CA LYS B 55 -5.46 4.38 3.92
C LYS B 55 -4.20 4.71 4.73
N LYS B 56 -4.27 4.52 6.05
CA LYS B 56 -3.19 4.93 6.94
C LYS B 56 -2.09 3.90 7.08
N TYR B 57 -2.45 2.61 7.00
CA TYR B 57 -1.52 1.50 7.21
C TYR B 57 -1.30 0.57 6.01
N ASN B 58 -1.88 0.92 4.87
CA ASN B 58 -1.84 0.10 3.65
C ASN B 58 -2.82 -1.08 3.70
N PRO B 59 -3.39 -1.47 2.55
CA PRO B 59 -4.30 -2.62 2.52
C PRO B 59 -3.57 -3.91 2.89
N THR B 60 -4.29 -5.01 3.17
CA THR B 60 -5.73 -5.10 3.12
C THR B 60 -6.29 -5.42 4.51
N TRP B 61 -7.18 -4.56 5.01
CA TRP B 61 -7.80 -4.79 6.30
C TRP B 61 -9.23 -5.30 6.16
N HIS B 62 -9.71 -5.98 7.23
CA HIS B 62 -11.06 -6.49 7.28
C HIS B 62 -11.66 -6.08 8.61
N CYS B 63 -12.96 -5.73 8.63
CA CYS B 63 -13.56 -5.28 9.86
C CYS B 63 -14.95 -5.83 10.10
N ILE B 64 -15.17 -6.32 11.33
CA ILE B 64 -16.47 -6.82 11.75
C ILE B 64 -16.94 -6.02 12.96
N VAL B 65 -18.20 -5.58 12.95
CA VAL B 65 -18.74 -4.79 14.03
C VAL B 65 -20.09 -5.38 14.41
N GLY B 66 -20.30 -5.61 15.71
CA GLY B 66 -21.60 -6.04 16.16
C GLY B 66 -21.71 -6.41 17.61
N ARG B 67 -22.94 -6.57 18.07
CA ARG B 67 -23.26 -6.88 19.47
C ARG B 67 -23.20 -8.37 19.80
N ASN B 68 -23.36 -9.23 18.77
CA ASN B 68 -23.37 -10.66 18.95
C ASN B 68 -22.73 -11.35 17.77
N PHE B 69 -21.43 -11.60 17.90
CA PHE B 69 -20.69 -12.49 17.02
C PHE B 69 -19.49 -13.13 17.71
N GLY B 70 -19.12 -14.30 17.21
CA GLY B 70 -17.89 -14.99 17.51
C GLY B 70 -17.18 -15.17 16.17
N SER B 71 -15.88 -15.39 16.24
CA SER B 71 -15.08 -15.37 15.06
C SER B 71 -13.86 -16.25 15.26
N TYR B 72 -13.34 -16.71 14.13
CA TYR B 72 -12.16 -17.50 14.08
C TYR B 72 -11.51 -17.20 12.74
N VAL B 73 -10.44 -16.41 12.78
CA VAL B 73 -9.77 -15.88 11.62
C VAL B 73 -8.29 -16.17 11.80
N THR B 74 -7.52 -16.09 10.71
CA THR B 74 -6.07 -16.22 10.79
C THR B 74 -5.45 -14.84 10.41
N HIS B 75 -4.80 -14.22 11.38
CA HIS B 75 -4.33 -12.86 11.26
C HIS B 75 -2.83 -12.79 11.06
N GLU B 76 -2.41 -11.74 10.38
CA GLU B 76 -1.01 -11.42 10.20
C GLU B 76 -0.48 -10.94 11.55
N THR B 77 0.75 -11.37 11.89
CA THR B 77 1.34 -10.99 13.15
C THR B 77 1.36 -9.44 13.24
N LYS B 78 1.04 -8.91 14.43
CA LYS B 78 0.98 -7.48 14.73
C LYS B 78 -0.19 -6.71 14.07
N HIS B 79 -1.14 -7.42 13.46
CA HIS B 79 -2.24 -6.78 12.75
C HIS B 79 -3.60 -7.35 13.13
N PHE B 80 -3.86 -7.37 14.44
CA PHE B 80 -5.13 -7.91 14.98
C PHE B 80 -5.55 -7.19 16.25
N ILE B 81 -6.82 -6.79 16.29
CA ILE B 81 -7.41 -6.31 17.52
C ILE B 81 -8.88 -6.69 17.62
N TYR B 82 -9.31 -7.10 18.81
CA TYR B 82 -10.69 -7.40 19.11
C TYR B 82 -11.02 -6.67 20.42
N PHE B 83 -11.99 -5.74 20.35
CA PHE B 83 -12.31 -4.88 21.47
C PHE B 83 -13.77 -4.49 21.48
N TYR B 84 -14.24 -4.06 22.66
CA TYR B 84 -15.57 -3.57 22.88
C TYR B 84 -15.55 -2.06 23.13
N LEU B 85 -16.48 -1.38 22.47
CA LEU B 85 -16.91 -0.04 22.85
C LEU B 85 -18.37 -0.20 23.28
N GLY B 86 -18.59 -0.22 24.60
CA GLY B 86 -19.89 -0.51 25.16
C GLY B 86 -20.19 -1.96 24.89
N GLN B 87 -21.39 -2.23 24.36
CA GLN B 87 -21.87 -3.60 24.09
C GLN B 87 -21.49 -4.00 22.64
N VAL B 88 -20.88 -3.07 21.88
CA VAL B 88 -20.50 -3.32 20.50
C VAL B 88 -19.07 -3.80 20.40
N ALA B 89 -18.89 -4.98 19.78
CA ALA B 89 -17.58 -5.55 19.53
C ALA B 89 -17.09 -5.16 18.14
N ILE B 90 -15.77 -4.96 18.05
CA ILE B 90 -15.09 -4.59 16.84
C ILE B 90 -13.89 -5.54 16.68
N LEU B 91 -13.82 -6.17 15.50
CA LEU B 91 -12.76 -7.02 15.12
C LEU B 91 -12.16 -6.42 13.87
N LEU B 92 -10.84 -6.17 13.92
CA LEU B 92 -10.12 -5.49 12.85
C LEU B 92 -8.79 -6.24 12.70
N PHE B 93 -8.52 -6.72 11.48
CA PHE B 93 -7.33 -7.46 11.22
C PHE B 93 -6.93 -7.44 9.77
N LYS B 94 -5.64 -7.77 9.53
CA LYS B 94 -5.15 -8.21 8.21
C LYS B 94 -4.97 -9.73 8.25
N SER B 95 -5.21 -10.40 7.12
CA SER B 95 -5.03 -11.85 7.04
C SER B 95 -3.57 -12.29 7.08
N GLY B 96 -3.28 -13.38 7.80
CA GLY B 96 -2.02 -14.08 7.71
C GLY B 96 -2.00 -15.13 6.59
N GLN C 3 3.06 29.89 -9.32
CA GLN C 3 3.86 29.30 -8.20
C GLN C 3 3.44 29.85 -6.81
N GLU C 4 3.22 28.95 -5.83
CA GLU C 4 2.73 29.31 -4.49
C GLU C 4 3.77 29.01 -3.41
N ASP C 5 3.58 29.63 -2.24
CA ASP C 5 4.51 29.55 -1.12
C ASP C 5 3.90 28.73 -0.03
N LYS C 6 4.69 27.84 0.55
CA LYS C 6 4.22 26.92 1.58
C LYS C 6 5.25 26.86 2.72
N ALA C 7 4.71 26.84 3.94
CA ALA C 7 5.42 26.63 5.19
C ALA C 7 5.04 25.27 5.77
N THR C 8 6.05 24.55 6.26
CA THR C 8 5.86 23.36 7.04
C THR C 8 6.74 23.42 8.29
N GLN C 9 6.30 22.73 9.35
CA GLN C 9 6.99 22.64 10.65
C GLN C 9 6.64 21.31 11.40
N THR C 10 7.65 20.49 11.66
CA THR C 10 7.46 19.30 12.50
C THR C 10 7.07 19.80 13.91
N LEU C 11 6.30 18.99 14.66
CA LEU C 11 5.77 19.34 16.00
C LEU C 11 6.75 19.14 17.16
N LYS D 12 17.69 -8.76 -13.79
CA LYS D 12 16.37 -8.17 -14.19
C LYS D 12 15.56 -9.02 -15.20
N ALA D 13 14.33 -8.56 -15.46
CA ALA D 13 13.33 -9.27 -16.20
C ALA D 13 13.66 -9.40 -17.69
N VAL D 14 13.38 -10.59 -18.22
CA VAL D 14 13.42 -10.87 -19.65
C VAL D 14 11.99 -11.26 -20.03
N ILE D 15 11.38 -10.44 -20.90
CA ILE D 15 10.00 -10.66 -21.34
C ILE D 15 10.13 -11.53 -22.59
N LYS D 16 9.60 -12.74 -22.54
CA LYS D 16 9.70 -13.71 -23.63
C LYS D 16 8.60 -13.49 -24.64
N ASN D 17 7.37 -13.32 -24.13
CA ASN D 17 6.23 -13.02 -24.98
C ASN D 17 5.26 -12.16 -24.20
N ALA D 18 4.82 -11.05 -24.81
CA ALA D 18 3.84 -10.18 -24.20
C ALA D 18 2.72 -9.80 -25.18
N ASP D 19 1.48 -9.80 -24.68
CA ASP D 19 0.35 -9.07 -25.29
C ASP D 19 -0.27 -8.23 -24.17
N MET D 20 0.32 -7.05 -23.93
CA MET D 20 0.15 -6.30 -22.71
C MET D 20 0.82 -4.94 -22.90
N SER D 21 0.21 -3.88 -22.38
CA SER D 21 0.81 -2.54 -22.47
C SER D 21 2.09 -2.51 -21.64
N GLU D 22 2.96 -1.57 -21.96
CA GLU D 22 4.23 -1.34 -21.28
C GLU D 22 4.07 -1.15 -19.77
N ASP D 23 3.14 -0.28 -19.37
CA ASP D 23 2.88 0.02 -17.97
C ASP D 23 2.50 -1.23 -17.22
N MET D 24 1.62 -2.04 -17.83
CA MET D 24 1.17 -3.27 -17.20
C MET D 24 2.30 -4.31 -17.11
N GLN D 25 3.13 -4.39 -18.16
CA GLN D 25 4.31 -5.25 -18.18
C GLN D 25 5.25 -4.96 -17.02
N GLN D 26 5.58 -3.69 -16.83
CA GLN D 26 6.44 -3.23 -15.76
C GLN D 26 5.81 -3.52 -14.40
N ASP D 27 4.49 -3.32 -14.31
CA ASP D 27 3.76 -3.66 -13.08
C ASP D 27 3.84 -5.16 -12.75
N ALA D 28 3.67 -6.02 -13.77
CA ALA D 28 3.81 -7.47 -13.61
C ALA D 28 5.20 -7.83 -13.05
N VAL D 29 6.24 -7.22 -13.62
CA VAL D 29 7.62 -7.41 -13.14
C VAL D 29 7.84 -6.92 -11.69
N ASP D 30 7.38 -5.71 -11.37
CA ASP D 30 7.48 -5.17 -10.02
C ASP D 30 6.76 -6.07 -9.04
N CYS D 31 5.54 -6.48 -9.41
CA CYS D 31 4.71 -7.36 -8.61
C CYS D 31 5.37 -8.73 -8.31
N ALA D 32 5.94 -9.34 -9.34
CA ALA D 32 6.65 -10.61 -9.20
C ALA D 32 7.92 -10.46 -8.37
N THR D 33 8.61 -9.34 -8.55
CA THR D 33 9.81 -9.03 -7.76
C THR D 33 9.48 -8.93 -6.26
N GLN D 34 8.41 -8.21 -5.92
CA GLN D 34 7.91 -8.13 -4.55
C GLN D 34 7.49 -9.50 -4.01
N ALA D 35 6.81 -10.30 -4.83
CA ALA D 35 6.34 -11.64 -4.46
C ALA D 35 7.51 -12.52 -4.08
N MET D 36 8.57 -12.49 -4.89
CA MET D 36 9.77 -13.29 -4.65
C MET D 36 10.59 -12.85 -3.45
N GLU D 37 10.58 -11.55 -3.12
CA GLU D 37 11.18 -11.10 -1.89
C GLU D 37 10.43 -11.65 -0.69
N LYS D 38 9.10 -11.75 -0.80
CA LYS D 38 8.24 -12.18 0.30
C LYS D 38 8.12 -13.70 0.48
N TYR D 39 7.98 -14.44 -0.63
CA TYR D 39 7.69 -15.88 -0.62
C TYR D 39 8.70 -16.70 -1.37
N ASN D 40 8.93 -17.93 -0.90
CA ASN D 40 9.80 -18.88 -1.59
C ASN D 40 9.15 -19.91 -2.45
N ILE D 41 7.95 -20.34 -2.04
CA ILE D 41 7.22 -21.44 -2.66
C ILE D 41 6.48 -20.95 -3.90
N GLU D 42 6.61 -21.67 -5.01
CA GLU D 42 6.16 -21.19 -6.31
C GLU D 42 4.64 -20.85 -6.30
N LYS D 43 3.85 -21.76 -5.71
CA LYS D 43 2.41 -21.59 -5.55
C LYS D 43 2.05 -20.27 -4.81
N ASP D 44 2.84 -19.93 -3.79
CA ASP D 44 2.62 -18.71 -2.98
C ASP D 44 3.00 -17.45 -3.73
N ILE D 45 4.08 -17.54 -4.51
CA ILE D 45 4.49 -16.45 -5.38
C ILE D 45 3.37 -16.17 -6.34
N ALA D 46 2.84 -17.24 -6.97
CA ALA D 46 1.81 -17.13 -8.00
C ALA D 46 0.53 -16.54 -7.39
N ALA D 47 0.16 -16.99 -6.19
CA ALA D 47 -1.04 -16.49 -5.50
C ALA D 47 -0.97 -14.99 -5.25
N TYR D 48 0.19 -14.52 -4.79
CA TYR D 48 0.42 -13.11 -4.54
C TYR D 48 0.22 -12.27 -5.80
N ILE D 49 0.84 -12.68 -6.89
CA ILE D 49 0.77 -11.91 -8.15
C ILE D 49 -0.69 -11.91 -8.64
N LYS D 50 -1.29 -13.10 -8.72
CA LYS D 50 -2.68 -13.25 -9.12
C LYS D 50 -3.59 -12.31 -8.35
N LYS D 51 -3.50 -12.35 -7.01
CA LYS D 51 -4.42 -11.57 -6.18
C LYS D 51 -4.20 -10.09 -6.37
N GLU D 52 -2.93 -9.66 -6.53
CA GLU D 52 -2.61 -8.25 -6.73
C GLU D 52 -3.17 -7.74 -8.04
N PHE D 53 -3.06 -8.57 -9.08
CA PHE D 53 -3.56 -8.19 -10.40
C PHE D 53 -5.10 -8.19 -10.43
N ASP D 54 -5.73 -9.13 -9.72
CA ASP D 54 -7.21 -9.08 -9.52
C ASP D 54 -7.62 -7.74 -8.90
N LYS D 55 -6.85 -7.30 -7.91
CA LYS D 55 -7.17 -6.12 -7.14
C LYS D 55 -6.98 -4.85 -7.97
N LYS D 56 -5.86 -4.75 -8.69
CA LYS D 56 -5.51 -3.55 -9.42
C LYS D 56 -6.17 -3.41 -10.80
N TYR D 57 -6.37 -4.54 -11.48
CA TYR D 57 -6.92 -4.57 -12.84
C TYR D 57 -8.25 -5.28 -13.00
N ASN D 58 -8.86 -5.70 -11.89
CA ASN D 58 -10.11 -6.45 -11.89
C ASN D 58 -9.91 -7.92 -12.21
N PRO D 59 -10.72 -8.83 -11.63
CA PRO D 59 -10.60 -10.24 -11.97
C PRO D 59 -10.93 -10.49 -13.43
N THR D 60 -10.58 -11.67 -13.99
CA THR D 60 -10.02 -12.80 -13.26
C THR D 60 -8.62 -13.12 -13.84
N TRP D 61 -7.58 -13.11 -13.02
CA TRP D 61 -6.24 -13.44 -13.51
C TRP D 61 -5.83 -14.85 -13.13
N HIS D 62 -4.90 -15.40 -13.91
CA HIS D 62 -4.33 -16.70 -13.60
C HIS D 62 -2.82 -16.58 -13.63
N CYS D 63 -2.14 -17.25 -12.69
CA CYS D 63 -0.69 -17.14 -12.67
C CYS D 63 0.01 -18.45 -12.48
N ILE D 64 1.05 -18.68 -13.28
CA ILE D 64 1.92 -19.86 -13.17
C ILE D 64 3.34 -19.41 -12.94
N VAL D 65 4.00 -20.00 -11.95
CA VAL D 65 5.39 -19.68 -11.68
C VAL D 65 6.20 -20.96 -11.63
N GLY D 66 7.33 -21.00 -12.31
CA GLY D 66 8.24 -22.12 -12.14
C GLY D 66 9.41 -22.14 -13.11
N ARG D 67 10.32 -23.06 -12.87
CA ARG D 67 11.58 -23.19 -13.60
C ARG D 67 11.47 -24.07 -14.85
N ASN D 68 10.45 -24.95 -14.90
CA ASN D 68 10.32 -25.93 -15.98
C ASN D 68 8.86 -26.21 -16.25
N PHE D 69 8.28 -25.44 -17.19
CA PHE D 69 6.94 -25.69 -17.68
C PHE D 69 6.71 -25.18 -19.08
N GLY D 70 5.77 -25.83 -19.79
CA GLY D 70 5.22 -25.33 -21.02
C GLY D 70 3.74 -25.15 -20.85
N SER D 71 3.14 -24.41 -21.76
CA SER D 71 1.77 -24.06 -21.61
C SER D 71 1.15 -23.81 -22.96
N TYR D 72 -0.18 -23.92 -23.01
CA TYR D 72 -0.92 -23.52 -24.17
C TYR D 72 -2.25 -23.01 -23.58
N VAL D 73 -2.41 -21.69 -23.59
CA VAL D 73 -3.53 -21.01 -22.96
C VAL D 73 -4.16 -20.08 -23.96
N THR D 74 -5.42 -19.71 -23.75
CA THR D 74 -6.11 -18.79 -24.64
C THR D 74 -6.42 -17.52 -23.82
N HIS D 75 -5.80 -16.41 -24.21
CA HIS D 75 -5.82 -15.18 -23.41
C HIS D 75 -6.67 -14.10 -24.06
N GLU D 76 -7.17 -13.21 -23.22
CA GLU D 76 -7.89 -12.02 -23.68
C GLU D 76 -6.87 -11.04 -24.25
N THR D 77 -7.22 -10.38 -25.35
CA THR D 77 -6.32 -9.42 -25.97
C THR D 77 -5.79 -8.38 -24.91
N LYS D 78 -4.48 -8.13 -24.93
CA LYS D 78 -3.79 -7.17 -24.07
C LYS D 78 -3.64 -7.63 -22.61
N HIS D 79 -3.94 -8.90 -22.35
CA HIS D 79 -3.89 -9.43 -20.96
C HIS D 79 -3.09 -10.73 -20.90
N PHE D 80 -1.83 -10.67 -21.36
CA PHE D 80 -0.93 -11.81 -21.37
C PHE D 80 0.51 -11.38 -21.26
N ILE D 81 1.23 -12.01 -20.32
CA ILE D 81 2.69 -11.86 -20.31
C ILE D 81 3.33 -13.17 -19.89
N TYR D 82 4.47 -13.48 -20.52
CA TYR D 82 5.32 -14.60 -20.14
C TYR D 82 6.75 -14.05 -20.06
N PHE D 83 7.35 -14.11 -18.87
CA PHE D 83 8.64 -13.50 -18.59
C PHE D 83 9.42 -14.29 -17.57
N TYR D 84 10.74 -14.05 -17.57
CA TYR D 84 11.67 -14.64 -16.64
C TYR D 84 12.18 -13.58 -15.68
N LEU D 85 12.20 -13.95 -14.39
CA LEU D 85 13.02 -13.29 -13.38
C LEU D 85 14.05 -14.32 -12.94
N GLY D 86 15.28 -14.18 -13.45
CA GLY D 86 16.33 -15.16 -13.26
C GLY D 86 15.92 -16.40 -14.04
N GLN D 87 15.97 -17.57 -13.39
CA GLN D 87 15.63 -18.84 -14.03
C GLN D 87 14.17 -19.20 -13.81
N VAL D 88 13.45 -18.34 -13.10
CA VAL D 88 12.03 -18.55 -12.84
C VAL D 88 11.15 -17.87 -13.88
N ALA D 89 10.28 -18.65 -14.52
CA ALA D 89 9.34 -18.16 -15.48
C ALA D 89 8.00 -17.88 -14.81
N ILE D 90 7.35 -16.82 -15.32
CA ILE D 90 6.07 -16.36 -14.84
C ILE D 90 5.18 -16.17 -16.04
N LEU D 91 4.00 -16.78 -15.95
CA LEU D 91 2.98 -16.64 -16.94
C LEU D 91 1.77 -16.07 -16.18
N LEU D 92 1.24 -14.96 -16.70
CA LEU D 92 0.17 -14.22 -16.07
C LEU D 92 -0.76 -13.78 -17.17
N PHE D 93 -2.04 -14.16 -17.06
CA PHE D 93 -2.99 -13.83 -18.11
C PHE D 93 -4.41 -13.81 -17.62
N LYS D 94 -5.28 -13.16 -18.37
CA LYS D 94 -6.75 -13.36 -18.26
C LYS D 94 -7.20 -14.21 -19.44
N SER D 95 -8.17 -15.10 -19.19
CA SER D 95 -8.69 -15.98 -20.25
C SER D 95 -9.48 -15.24 -21.31
N GLY D 96 -9.28 -15.70 -22.55
CA GLY D 96 -10.01 -15.22 -23.71
C GLY D 96 -11.44 -15.78 -23.64
#